data_9FGT
#
_entry.id   9FGT
#
_cell.length_a   1.00
_cell.length_b   1.00
_cell.length_c   1.00
_cell.angle_alpha   90.00
_cell.angle_beta   90.00
_cell.angle_gamma   90.00
#
_symmetry.space_group_name_H-M   'P 1'
#
loop_
_entity.id
_entity.type
_entity.pdbx_description
1 polymer 'Spike glycoprotein,Fibritin'
2 polymer 'Single chain fragment scFv76'
3 non-polymer 2-acetamido-2-deoxy-beta-D-glucopyranose
#
loop_
_entity_poly.entity_id
_entity_poly.type
_entity_poly.pdbx_seq_one_letter_code
_entity_poly.pdbx_strand_id
1 'polypeptide(L)'
;MFVFLVLLPLVSSQCVNLTTRTQLPPAYTNSFTRGVYYPDKVFRSSVLHSTQDLFLPFFSNVTWFHVISRFDNPVLPFND
GVYFASIEKSNIIRGWIFGTTLDSKTQSLLIVNNATNVVIKVCEFQFCNDPFLDVYYHKNNKSWMESEFRVYSSANNCTF
EYVSQPFLMDLEGKQGNFKNLREFVFKNIDGYFKIYSKHTPIIVPEDLPQGFSALEPLVDLPIGINITRFQTLLALHRSS
SGWTAGAAAYYVGYLQPRTFLLKYNENGTITDAVDCALDPLSETKCTLKSFTVEKGIYQTSNFRVQPTESIVRFPNITNL
CPFDEVFNATRFASVYAWNRKRISNCVADYSVLYNLAPFFTFKCYGVSPTKLNDLCFTNVYADSFVIRGDEVRQIAPGQT
GNIADYNYKLPDDFTGCVIAWNSNKLDSKVSGNYNYLYRLFRKSNLKPFERDISTEIYQAGNKPCNGVAGFNCYFPLRSY
SFRPTYGVGHQPYRVVVLSFELLHAPATVCGPKKSTNLVKNKCVNFNFNGLKGTGVLTESNKKFLPFQQFGRDIADTTDA
VRDPQTLEILDITPCSFGGVSVITPGTNTSNQVAVLYQGVNCTEVNVFQTRAGCLIGAEYVNNSYECDIPIGAGICASYQ
TSQSIIAYTMSLGAENSVAYSNNSIAIPTNFTISVTTEILPVSMTKTSVDCTMYICGDSTECSNLLLQYGSFCTQLKRAL
TGIAVEQDKNTQEVFAQVKQIYKTPPIKYFGGFNFSQILPDPSKSKRSFIEDLLFNKVTKFKGLTVLPPLLTDEMIAQYT
SALLAGTITSGWTFGAGAALQIPFAMQMAYRFNGIGVTQNVLYENQKLIANQFNSAIGKIQDSLSSTASALGKLQDVVNH
NAQALNTLVKQLSSKFGAISSVLNDIFSRLDPPEAEVQIDRLITGRLQSLQTYVTQQLIRAAEIRASANLAATKMSECVL
GQSKRVDFCGKGYHLMSFPQSAPHGVVFLHVTYVPAQEKNFTTAPAICHDGKAHFPREGVFVSNGTHWFVTQRNFYEPQI
ITTDNTFVSGNCDVVIGIVNNTVYDPLQPELDSFKEELDKYFKNHTSPDVDLGDISGINASVVNIQKEIDRLNEVAKNLN
ESLIDLQELGKYEQGSGYIPEAPRDGQAYVRKDGEWVLLSTFLGRSLEVLFQGPGHHHHHHHHSAWSHPQFEKGGGSGGG
GSGGSAWSHPQFEK
;
C
2 'polypeptide(L)'
;RTMEEVQLLQSAGGLVQPGGSLRLSCAASGFTVSANYMSWVRQAPGKGLEWVSVIYPGGSTFYADSVKGRFTISRDNSKN
TLYLQMNSLRVEDTAVYYCARDLSVAGAFDIWGQGTLVTVSSGGGGSGGGGSGGGGSEIVLTQSPGTLSLSPGERATLSC
RASQSVSSSYLAWYQQKPGQAPRLLIYGASSRATGIPDRFSGSGSGTDFTLTISRLEPEDFAVYYCQQYGSSPYTFGQGT
KLEIKRAAAGDYKDDDDKHHHHHH
;
E
#
loop_
_chem_comp.id
_chem_comp.type
_chem_comp.name
_chem_comp.formula
NAG D-saccharide, beta linking 2-acetamido-2-deoxy-beta-D-glucopyranose 'C8 H15 N O6'
#
# COMPACT_ATOMS: atom_id res chain seq x y z
N PHE A 323 -37.35 4.31 9.63
CA PHE A 323 -36.21 4.72 8.81
C PHE A 323 -35.00 5.21 9.63
N ASP A 324 -35.26 6.02 10.66
CA ASP A 324 -34.19 6.57 11.47
C ASP A 324 -33.49 5.50 12.28
N GLU A 325 -34.19 4.43 12.64
CA GLU A 325 -33.60 3.34 13.39
C GLU A 325 -32.61 2.53 12.57
N VAL A 326 -32.55 2.73 11.26
CA VAL A 326 -31.52 2.08 10.44
C VAL A 326 -30.38 3.03 10.08
N PHE A 327 -30.66 4.33 9.96
CA PHE A 327 -29.64 5.29 9.55
C PHE A 327 -28.52 5.42 10.58
N ASN A 328 -28.85 5.48 11.86
CA ASN A 328 -27.85 5.75 12.89
C ASN A 328 -28.20 5.00 14.18
N ALA A 329 -27.18 4.33 14.72
CA ALA A 329 -27.34 3.35 15.78
C ALA A 329 -26.08 3.38 16.65
N THR A 330 -25.88 2.30 17.42
CA THR A 330 -24.80 2.22 18.39
C THR A 330 -23.57 1.49 17.88
N ARG A 331 -23.62 0.86 16.70
CA ARG A 331 -22.46 0.18 16.16
C ARG A 331 -22.62 0.04 14.65
N PHE A 332 -21.53 -0.34 14.00
CA PHE A 332 -21.55 -0.52 12.56
C PHE A 332 -20.75 -1.75 12.20
N ALA A 333 -21.08 -2.33 11.05
CA ALA A 333 -20.41 -3.53 10.58
C ALA A 333 -19.15 -3.18 9.78
N SER A 334 -18.20 -4.11 9.80
CA SER A 334 -16.95 -3.92 9.10
C SER A 334 -17.18 -3.93 7.59
N VAL A 335 -16.11 -3.69 6.83
CA VAL A 335 -16.24 -3.47 5.40
C VAL A 335 -16.54 -4.77 4.66
N TYR A 336 -15.75 -5.82 4.91
CA TYR A 336 -15.90 -7.06 4.17
C TYR A 336 -17.22 -7.74 4.43
N ALA A 337 -17.91 -7.38 5.52
CA ALA A 337 -19.27 -7.85 5.81
C ALA A 337 -20.12 -6.61 6.08
N TRP A 338 -20.61 -6.00 5.02
CA TRP A 338 -21.38 -4.76 5.11
C TRP A 338 -22.85 -5.10 5.28
N ASN A 339 -23.48 -4.50 6.30
CA ASN A 339 -24.88 -4.76 6.55
C ASN A 339 -25.73 -4.31 5.37
N ARG A 340 -26.31 -5.27 4.66
CA ARG A 340 -27.23 -4.98 3.56
C ARG A 340 -28.63 -4.77 4.15
N LYS A 341 -28.73 -3.74 4.99
CA LYS A 341 -29.96 -3.52 5.73
C LYS A 341 -31.10 -3.16 4.79
N ARG A 342 -32.25 -3.78 5.04
CA ARG A 342 -33.39 -3.65 4.15
C ARG A 342 -34.35 -2.60 4.68
N ILE A 343 -35.16 -2.06 3.78
CA ILE A 343 -36.25 -1.15 4.13
C ILE A 343 -37.52 -1.72 3.56
N SER A 344 -38.51 -1.89 4.42
CA SER A 344 -39.80 -2.44 4.04
C SER A 344 -40.83 -2.18 5.14
N ASN A 355 -32.76 23.13 6.29
CA ASN A 355 -33.30 22.05 7.10
C ASN A 355 -32.76 20.70 6.65
N LEU A 356 -31.49 20.69 6.23
CA LEU A 356 -30.83 19.46 5.84
C LEU A 356 -30.48 18.63 7.07
N ALA A 357 -30.14 17.37 6.82
CA ALA A 357 -29.64 16.52 7.89
C ALA A 357 -28.29 17.06 8.36
N PRO A 358 -27.97 16.91 9.65
CA PRO A 358 -26.72 17.44 10.20
C PRO A 358 -25.50 16.58 9.89
N PHE A 359 -25.41 16.11 8.64
CA PHE A 359 -24.25 15.37 8.15
C PHE A 359 -23.60 16.17 7.04
N PHE A 360 -22.31 16.44 7.20
CA PHE A 360 -21.65 17.49 6.41
C PHE A 360 -21.53 17.10 4.95
N THR A 361 -21.16 15.86 4.66
CA THR A 361 -20.94 15.43 3.29
C THR A 361 -22.20 14.75 2.76
N PHE A 362 -22.57 15.06 1.53
CA PHE A 362 -23.78 14.52 0.92
C PHE A 362 -23.65 14.64 -0.59
N LYS A 363 -23.78 13.52 -1.31
CA LYS A 363 -23.66 13.56 -2.76
C LYS A 363 -24.58 12.51 -3.37
N CYS A 364 -25.27 12.89 -4.44
CA CYS A 364 -26.19 12.01 -5.15
C CYS A 364 -25.78 11.87 -6.61
N TYR A 365 -25.72 10.63 -7.09
CA TYR A 365 -25.34 10.32 -8.45
C TYR A 365 -26.54 9.96 -9.32
N GLY A 366 -27.73 10.37 -8.90
CA GLY A 366 -28.95 10.22 -9.68
C GLY A 366 -29.80 11.46 -9.57
N VAL A 367 -31.04 11.30 -9.13
CA VAL A 367 -31.92 12.43 -8.87
C VAL A 367 -31.67 12.93 -7.46
N SER A 368 -31.75 14.25 -7.27
CA SER A 368 -31.53 14.88 -5.98
C SER A 368 -32.23 14.20 -4.81
N VAL A 380 -36.33 -0.78 -1.21
CA VAL A 380 -34.99 -0.27 -1.49
C VAL A 380 -34.05 -0.79 -0.45
N TYR A 381 -32.76 -0.57 -0.68
CA TYR A 381 -31.72 -1.18 0.13
C TYR A 381 -30.78 -0.08 0.61
N ALA A 382 -30.52 -0.04 1.91
CA ALA A 382 -29.59 0.91 2.50
C ALA A 382 -28.50 0.13 3.22
N ASP A 383 -27.26 0.28 2.78
CA ASP A 383 -26.12 -0.40 3.35
C ASP A 383 -25.39 0.53 4.30
N SER A 384 -24.51 -0.04 5.12
CA SER A 384 -23.80 0.75 6.11
C SER A 384 -22.54 0.03 6.55
N PHE A 385 -21.46 0.79 6.71
CA PHE A 385 -20.18 0.25 7.16
C PHE A 385 -19.29 1.43 7.52
N VAL A 386 -18.05 1.13 7.92
CA VAL A 386 -17.09 2.14 8.36
C VAL A 386 -15.80 1.98 7.57
N ILE A 387 -15.35 3.07 6.94
CA ILE A 387 -14.12 3.08 6.16
C ILE A 387 -13.32 4.32 6.52
N ARG A 388 -12.04 4.28 6.19
CA ARG A 388 -11.13 5.38 6.52
C ARG A 388 -11.53 6.63 5.76
N GLY A 389 -11.15 7.79 6.30
CA GLY A 389 -11.67 9.05 5.79
C GLY A 389 -11.29 9.31 4.34
N ASP A 390 -10.03 9.10 4.00
CA ASP A 390 -9.58 9.42 2.65
C ASP A 390 -10.07 8.43 1.61
N GLU A 391 -10.58 7.27 2.02
CA GLU A 391 -11.00 6.22 1.11
C GLU A 391 -12.51 6.23 0.86
N VAL A 392 -13.21 7.30 1.25
CA VAL A 392 -14.62 7.40 0.93
C VAL A 392 -14.81 7.59 -0.56
N ARG A 393 -13.86 8.25 -1.22
CA ARG A 393 -13.98 8.56 -2.64
C ARG A 393 -14.20 7.32 -3.50
N GLN A 394 -13.61 6.19 -3.12
CA GLN A 394 -13.71 4.99 -3.93
C GLN A 394 -15.13 4.44 -4.00
N ILE A 395 -16.00 4.80 -3.06
CA ILE A 395 -17.41 4.41 -3.12
C ILE A 395 -18.19 5.27 -4.10
N ALA A 396 -17.52 6.05 -4.93
CA ALA A 396 -18.18 6.69 -6.06
C ALA A 396 -18.57 5.62 -7.09
N PRO A 397 -19.54 5.91 -7.95
CA PRO A 397 -19.96 4.90 -8.93
C PRO A 397 -18.90 4.62 -9.98
N GLY A 398 -18.29 3.45 -9.93
CA GLY A 398 -17.34 3.06 -10.95
C GLY A 398 -15.96 3.67 -10.80
N GLN A 399 -15.24 3.30 -9.76
CA GLN A 399 -13.84 3.67 -9.62
C GLN A 399 -13.05 2.49 -9.08
N THR A 400 -11.76 2.45 -9.40
CA THR A 400 -10.90 1.38 -8.94
C THR A 400 -10.14 1.82 -7.70
N GLY A 401 -9.53 0.85 -7.03
CA GLY A 401 -8.80 1.16 -5.81
C GLY A 401 -8.52 -0.09 -5.00
N ASN A 402 -8.66 0.04 -3.69
CA ASN A 402 -8.45 -1.07 -2.78
C ASN A 402 -9.77 -1.57 -2.20
N ILE A 403 -10.66 -0.67 -1.79
CA ILE A 403 -11.98 -1.08 -1.29
C ILE A 403 -13.03 -1.11 -2.37
N ALA A 404 -12.98 -0.23 -3.37
CA ALA A 404 -14.04 -0.16 -4.36
C ALA A 404 -14.12 -1.41 -5.20
N ASP A 405 -13.02 -2.14 -5.36
CA ASP A 405 -13.01 -3.31 -6.22
C ASP A 405 -12.75 -4.62 -5.50
N TYR A 406 -12.27 -4.57 -4.26
CA TYR A 406 -11.96 -5.80 -3.54
C TYR A 406 -12.91 -6.06 -2.39
N ASN A 407 -13.60 -5.05 -1.86
CA ASN A 407 -14.49 -5.22 -0.73
C ASN A 407 -15.93 -4.85 -1.04
N TYR A 408 -16.18 -3.63 -1.51
CA TYR A 408 -17.54 -3.16 -1.79
C TYR A 408 -17.53 -2.42 -3.12
N LYS A 409 -18.36 -2.87 -4.05
CA LYS A 409 -18.33 -2.36 -5.43
C LYS A 409 -19.71 -1.88 -5.84
N LEU A 410 -19.82 -0.62 -6.24
CA LEU A 410 -21.06 -0.13 -6.80
C LEU A 410 -21.20 -0.57 -8.25
N PRO A 411 -22.42 -0.63 -8.77
CA PRO A 411 -22.60 -0.97 -10.18
C PRO A 411 -22.32 0.24 -11.07
N ASP A 412 -22.25 -0.04 -12.36
CA ASP A 412 -22.24 1.03 -13.33
C ASP A 412 -23.63 1.67 -13.38
N ASP A 413 -23.72 2.80 -14.07
CA ASP A 413 -24.96 3.61 -14.19
C ASP A 413 -25.77 3.64 -12.90
N PHE A 414 -25.10 3.98 -11.80
CA PHE A 414 -25.67 3.81 -10.48
C PHE A 414 -26.96 4.61 -10.31
N THR A 415 -27.90 4.03 -9.58
CA THR A 415 -29.19 4.67 -9.34
C THR A 415 -29.42 4.85 -7.85
N GLY A 416 -28.43 5.37 -7.13
CA GLY A 416 -28.61 5.61 -5.71
C GLY A 416 -27.62 6.62 -5.18
N CYS A 417 -27.99 7.23 -4.06
CA CYS A 417 -27.18 8.28 -3.46
C CYS A 417 -26.17 7.69 -2.48
N VAL A 418 -25.23 8.54 -2.05
CA VAL A 418 -24.20 8.16 -1.09
C VAL A 418 -24.10 9.24 -0.02
N ILE A 419 -23.92 8.82 1.23
CA ILE A 419 -23.87 9.72 2.37
C ILE A 419 -22.66 9.37 3.22
N ALA A 420 -22.08 10.36 3.88
CA ALA A 420 -20.98 10.11 4.80
C ALA A 420 -20.87 11.26 5.78
N TRP A 421 -20.28 10.99 6.93
CA TRP A 421 -20.02 12.03 7.93
C TRP A 421 -18.93 11.55 8.86
N ASN A 422 -18.07 12.47 9.29
CA ASN A 422 -16.94 12.11 10.13
C ASN A 422 -17.42 11.56 11.47
N SER A 423 -16.79 10.48 11.91
CA SER A 423 -17.18 9.78 13.13
C SER A 423 -15.96 9.47 13.97
N ASN A 424 -15.08 10.45 14.14
CA ASN A 424 -13.91 10.26 14.98
C ASN A 424 -14.31 9.98 16.43
N LYS A 425 -15.21 10.80 16.96
CA LYS A 425 -15.45 10.83 18.40
C LYS A 425 -16.02 9.51 18.90
N LEU A 426 -17.02 8.96 18.21
CA LEU A 426 -17.67 7.76 18.73
C LEU A 426 -16.81 6.53 18.51
N ASP A 427 -16.17 6.41 17.35
CA ASP A 427 -15.43 5.20 17.04
C ASP A 427 -14.07 5.19 17.73
N SER A 428 -13.23 6.17 17.43
CA SER A 428 -11.86 6.16 17.92
C SER A 428 -11.80 6.38 19.42
N LYS A 429 -10.79 5.79 20.05
CA LYS A 429 -10.55 5.95 21.48
C LYS A 429 -9.05 5.99 21.72
N VAL A 430 -8.67 6.55 22.87
CA VAL A 430 -7.25 6.64 23.22
C VAL A 430 -6.65 5.25 23.42
N SER A 431 -7.43 4.31 23.96
CA SER A 431 -6.94 2.95 24.11
C SER A 431 -6.67 2.30 22.76
N GLY A 432 -7.56 2.53 21.80
CA GLY A 432 -7.41 1.96 20.47
C GLY A 432 -8.28 0.76 20.24
N ASN A 433 -9.01 0.74 19.13
CA ASN A 433 -9.88 -0.37 18.78
C ASN A 433 -9.41 -1.04 17.49
N TYR A 434 -9.68 -2.34 17.39
CA TYR A 434 -9.18 -3.13 16.28
C TYR A 434 -10.23 -4.12 15.79
N ASN A 435 -11.51 -3.79 15.94
CA ASN A 435 -12.59 -4.68 15.55
C ASN A 435 -13.15 -4.34 14.17
N TYR A 436 -12.35 -3.67 13.33
CA TYR A 436 -12.73 -3.33 11.97
C TYR A 436 -11.75 -3.98 11.01
N LEU A 437 -12.26 -4.70 10.02
CA LEU A 437 -11.45 -5.49 9.11
C LEU A 437 -11.76 -5.11 7.67
N TYR A 438 -10.76 -5.22 6.80
CA TYR A 438 -10.97 -5.08 5.37
C TYR A 438 -10.18 -6.16 4.66
N ARG A 439 -10.75 -6.72 3.60
CA ARG A 439 -10.04 -7.75 2.86
C ARG A 439 -8.92 -7.14 2.03
N LEU A 440 -7.77 -7.80 2.02
CA LEU A 440 -6.57 -7.26 1.40
C LEU A 440 -6.14 -8.07 0.18
N PHE A 441 -5.97 -9.38 0.32
CA PHE A 441 -5.59 -10.25 -0.80
C PHE A 441 -6.84 -10.97 -1.30
N ARG A 442 -7.21 -10.69 -2.54
CA ARG A 442 -8.29 -11.40 -3.22
C ARG A 442 -7.87 -11.69 -4.65
N LYS A 443 -8.32 -12.84 -5.17
CA LYS A 443 -7.86 -13.29 -6.48
C LYS A 443 -8.29 -12.33 -7.59
N SER A 444 -9.52 -11.86 -7.55
CA SER A 444 -10.05 -11.03 -8.63
C SER A 444 -10.96 -9.96 -8.06
N ASN A 445 -11.56 -9.16 -8.94
CA ASN A 445 -12.43 -8.08 -8.54
C ASN A 445 -13.72 -8.64 -7.93
N LEU A 446 -14.64 -7.74 -7.63
CA LEU A 446 -15.97 -8.11 -7.16
C LEU A 446 -17.04 -7.59 -8.11
N LYS A 447 -17.99 -8.46 -8.42
CA LYS A 447 -19.14 -8.09 -9.24
C LYS A 447 -19.99 -7.07 -8.47
N PRO A 448 -20.65 -6.15 -9.17
CA PRO A 448 -21.39 -5.09 -8.47
C PRO A 448 -22.42 -5.66 -7.49
N PHE A 449 -22.49 -5.01 -6.32
CA PHE A 449 -23.34 -5.47 -5.22
C PHE A 449 -23.12 -6.94 -4.93
N GLU A 450 -21.85 -7.32 -4.82
CA GLU A 450 -21.47 -8.64 -4.36
C GLU A 450 -20.69 -8.50 -3.07
N ARG A 451 -20.92 -9.43 -2.16
CA ARG A 451 -20.21 -9.47 -0.89
C ARG A 451 -19.77 -10.90 -0.63
N ASP A 452 -18.72 -11.04 0.18
CA ASP A 452 -18.20 -12.34 0.51
C ASP A 452 -17.74 -12.35 1.96
N ILE A 453 -17.99 -13.47 2.64
CA ILE A 453 -17.53 -13.69 4.00
C ILE A 453 -16.81 -15.03 4.02
N SER A 454 -15.52 -15.01 4.33
CA SER A 454 -14.71 -16.22 4.28
C SER A 454 -13.33 -15.91 4.84
N THR A 455 -12.68 -16.96 5.34
CA THR A 455 -11.31 -16.88 5.84
C THR A 455 -10.55 -18.06 5.24
N GLU A 456 -9.97 -17.85 4.06
CA GLU A 456 -9.13 -18.84 3.42
C GLU A 456 -7.79 -18.21 3.06
N ILE A 457 -6.71 -18.95 3.28
CA ILE A 457 -5.38 -18.39 3.08
C ILE A 457 -5.14 -18.14 1.60
N TYR A 458 -4.61 -16.96 1.29
CA TYR A 458 -4.29 -16.59 -0.08
C TYR A 458 -2.99 -17.29 -0.49
N GLN A 459 -2.99 -17.91 -1.65
CA GLN A 459 -1.81 -18.61 -2.16
C GLN A 459 -1.09 -17.68 -3.12
N ALA A 460 -0.11 -16.94 -2.60
CA ALA A 460 0.62 -15.99 -3.42
C ALA A 460 1.53 -16.68 -4.44
N GLY A 461 1.86 -17.95 -4.23
CA GLY A 461 2.72 -18.65 -5.16
C GLY A 461 2.11 -19.95 -5.65
N ASN A 462 2.91 -21.02 -5.64
CA ASN A 462 2.46 -22.35 -6.04
C ASN A 462 2.83 -23.35 -4.95
N LYS A 463 1.97 -23.44 -3.93
CA LYS A 463 2.19 -24.29 -2.77
C LYS A 463 0.86 -24.50 -2.04
N PRO A 464 0.45 -25.75 -1.81
CA PRO A 464 -0.85 -25.98 -1.15
C PRO A 464 -0.94 -25.38 0.25
N CYS A 465 0.14 -25.42 1.02
CA CYS A 465 0.26 -24.92 2.39
C CYS A 465 -0.50 -25.76 3.41
N ASN A 466 -1.27 -26.76 2.98
CA ASN A 466 -2.10 -27.57 3.88
C ASN A 466 -3.03 -26.70 4.73
N GLY A 467 -3.37 -25.52 4.22
CA GLY A 467 -4.26 -24.63 4.94
C GLY A 467 -3.65 -23.91 6.12
N VAL A 468 -2.34 -23.98 6.29
CA VAL A 468 -1.65 -23.31 7.39
C VAL A 468 -0.80 -22.19 6.81
N ALA A 469 -0.88 -21.02 7.42
CA ALA A 469 -0.17 -19.85 6.92
C ALA A 469 1.34 -20.09 6.90
N GLY A 470 1.99 -19.62 5.85
CA GLY A 470 3.42 -19.82 5.67
C GLY A 470 4.05 -18.68 4.91
N PHE A 471 5.18 -18.99 4.25
CA PHE A 471 5.92 -17.96 3.52
C PHE A 471 5.11 -17.40 2.36
N ASN A 472 4.49 -18.27 1.58
CA ASN A 472 3.72 -17.85 0.41
C ASN A 472 2.23 -17.87 0.65
N CYS A 473 1.79 -18.05 1.89
CA CYS A 473 0.38 -18.06 2.25
C CYS A 473 0.11 -16.99 3.30
N TYR A 474 -0.91 -16.18 3.05
CA TYR A 474 -1.22 -15.03 3.89
C TYR A 474 -2.67 -15.06 4.34
N PHE A 475 -2.92 -14.44 5.49
CA PHE A 475 -4.28 -14.20 5.94
C PHE A 475 -4.87 -13.04 5.17
N PRO A 476 -6.04 -13.20 4.54
CA PRO A 476 -6.53 -12.13 3.66
C PRO A 476 -7.03 -10.89 4.39
N LEU A 477 -7.52 -11.01 5.62
CA LEU A 477 -8.17 -9.92 6.33
C LEU A 477 -7.20 -9.29 7.33
N ARG A 478 -6.90 -8.00 7.14
CA ARG A 478 -6.05 -7.24 8.05
C ARG A 478 -6.85 -6.04 8.56
N SER A 479 -6.59 -5.65 9.81
CA SER A 479 -7.47 -4.72 10.50
C SER A 479 -6.98 -3.28 10.41
N TYR A 480 -7.89 -2.34 10.69
CA TYR A 480 -7.55 -0.94 10.89
C TYR A 480 -6.92 -0.70 12.25
N SER A 481 -6.53 0.56 12.48
CA SER A 481 -5.98 1.02 13.74
C SER A 481 -6.43 2.46 13.92
N PHE A 482 -7.07 2.75 15.06
CA PHE A 482 -7.65 4.05 15.29
C PHE A 482 -7.15 4.64 16.60
N ARG A 483 -6.91 5.95 16.59
CA ARG A 483 -6.44 6.73 17.71
C ARG A 483 -6.88 8.16 17.46
N PRO A 484 -7.36 8.88 18.48
CA PRO A 484 -7.92 10.22 18.23
C PRO A 484 -6.93 11.20 17.64
N THR A 485 -5.65 11.12 18.02
CA THR A 485 -4.67 12.11 17.59
C THR A 485 -3.99 11.61 16.30
N TYR A 486 -4.78 11.58 15.24
CA TYR A 486 -4.31 11.25 13.91
C TYR A 486 -4.75 12.35 12.95
N GLY A 487 -4.09 12.41 11.79
CA GLY A 487 -4.43 13.42 10.83
C GLY A 487 -5.80 13.21 10.20
N VAL A 488 -6.33 14.28 9.62
CA VAL A 488 -7.62 14.19 8.95
C VAL A 488 -7.45 13.36 7.68
N GLY A 489 -8.32 12.35 7.52
CA GLY A 489 -8.19 11.36 6.47
C GLY A 489 -7.97 9.96 7.01
N HIS A 490 -7.23 9.84 8.10
CA HIS A 490 -7.06 8.56 8.78
C HIS A 490 -8.19 8.26 9.77
N GLN A 491 -9.02 9.23 10.09
CA GLN A 491 -10.11 9.00 11.02
C GLN A 491 -11.23 8.20 10.36
N PRO A 492 -11.92 7.36 11.12
CA PRO A 492 -12.99 6.55 10.53
C PRO A 492 -14.17 7.40 10.11
N TYR A 493 -14.77 7.03 8.98
CA TYR A 493 -15.96 7.69 8.47
C TYR A 493 -17.08 6.66 8.35
N ARG A 494 -18.25 7.00 8.87
CA ARG A 494 -19.42 6.16 8.71
C ARG A 494 -20.09 6.47 7.37
N VAL A 495 -20.39 5.42 6.60
CA VAL A 495 -20.96 5.56 5.27
C VAL A 495 -22.26 4.77 5.21
N VAL A 496 -23.31 5.39 4.69
CA VAL A 496 -24.62 4.77 4.52
C VAL A 496 -25.09 5.05 3.11
N VAL A 497 -24.89 4.11 2.19
CA VAL A 497 -25.27 4.32 0.80
C VAL A 497 -26.71 3.89 0.60
N LEU A 498 -27.44 4.65 -0.20
CA LEU A 498 -28.83 4.36 -0.51
C LEU A 498 -28.91 3.89 -1.96
N SER A 499 -29.52 2.72 -2.17
CA SER A 499 -29.62 2.12 -3.49
C SER A 499 -31.10 1.91 -3.81
N PHE A 500 -31.64 2.76 -4.68
CA PHE A 500 -33.07 2.73 -4.95
C PHE A 500 -33.42 1.54 -5.85
N GLU B 5 13.79 -22.39 -5.36
CA GLU B 5 14.22 -21.05 -4.98
C GLU B 5 13.36 -20.00 -5.66
N VAL B 6 13.27 -18.82 -5.05
CA VAL B 6 12.48 -17.71 -5.57
C VAL B 6 13.37 -16.49 -5.71
N GLN B 7 13.29 -15.82 -6.85
CA GLN B 7 14.08 -14.62 -7.08
C GLN B 7 13.51 -13.87 -8.27
N LEU B 8 13.80 -12.57 -8.33
CA LEU B 8 13.42 -11.72 -9.43
C LEU B 8 14.63 -11.44 -10.29
N LEU B 9 14.58 -11.83 -11.56
CA LEU B 9 15.67 -11.65 -12.49
C LEU B 9 15.25 -10.65 -13.57
N GLN B 10 16.06 -9.63 -13.78
CA GLN B 10 15.70 -8.48 -14.59
C GLN B 10 16.68 -8.33 -15.74
N SER B 11 16.16 -7.93 -16.90
CA SER B 11 16.95 -7.85 -18.13
C SER B 11 16.56 -6.61 -18.93
N ALA B 12 17.45 -5.63 -18.98
CA ALA B 12 17.24 -4.41 -19.77
C ALA B 12 18.52 -3.59 -19.75
N GLY B 13 18.42 -2.36 -20.20
CA GLY B 13 19.53 -1.43 -20.21
C GLY B 13 19.43 -0.49 -21.40
N GLY B 14 20.52 0.22 -21.65
CA GLY B 14 20.67 1.00 -22.85
C GLY B 14 20.78 2.49 -22.58
N LEU B 15 20.98 3.24 -23.67
CA LEU B 15 21.07 4.70 -23.66
C LEU B 15 20.27 5.20 -24.86
N VAL B 16 19.08 5.74 -24.59
CA VAL B 16 18.17 6.13 -25.65
C VAL B 16 17.94 7.65 -25.60
N GLN B 17 17.72 8.21 -26.79
CA GLN B 17 17.59 9.65 -26.95
C GLN B 17 16.23 10.14 -26.44
N PRO B 18 16.11 11.45 -26.21
CA PRO B 18 14.83 11.99 -25.70
C PRO B 18 13.62 11.61 -26.54
N GLY B 19 13.76 11.50 -27.86
CA GLY B 19 12.65 11.06 -28.66
C GLY B 19 12.29 9.60 -28.42
N GLY B 20 13.29 8.75 -28.22
CA GLY B 20 13.11 7.32 -28.28
C GLY B 20 12.37 6.76 -27.08
N SER B 21 12.30 5.43 -27.07
CA SER B 21 11.63 4.68 -26.02
C SER B 21 12.20 3.27 -25.98
N LEU B 22 12.14 2.65 -24.81
CA LEU B 22 12.55 1.25 -24.66
C LEU B 22 11.59 0.52 -23.72
N ARG B 23 11.86 -0.76 -23.51
CA ARG B 23 11.00 -1.62 -22.73
C ARG B 23 11.79 -2.27 -21.60
N LEU B 24 11.21 -2.31 -20.41
CA LEU B 24 11.81 -2.93 -19.24
C LEU B 24 11.07 -4.20 -18.90
N SER B 25 11.80 -5.29 -18.73
CA SER B 25 11.22 -6.60 -18.49
C SER B 25 11.77 -7.19 -17.20
N CYS B 26 10.90 -7.81 -16.41
CA CYS B 26 11.26 -8.42 -15.14
C CYS B 26 10.54 -9.75 -15.02
N ALA B 27 11.27 -10.81 -14.74
CA ALA B 27 10.73 -12.17 -14.68
C ALA B 27 10.81 -12.73 -13.27
N ALA B 28 9.76 -13.45 -12.86
CA ALA B 28 9.65 -13.95 -11.51
C ALA B 28 9.45 -15.47 -11.51
N SER B 29 10.06 -16.14 -10.54
CA SER B 29 9.94 -17.58 -10.40
C SER B 29 9.55 -17.94 -8.98
N GLY B 30 8.65 -18.91 -8.84
CA GLY B 30 8.18 -19.37 -7.57
C GLY B 30 6.83 -18.83 -7.14
N PHE B 31 6.36 -17.77 -7.78
CA PHE B 31 5.05 -17.22 -7.49
C PHE B 31 4.48 -16.64 -8.77
N THR B 32 3.18 -16.83 -8.98
CA THR B 32 2.57 -16.31 -10.19
C THR B 32 2.42 -14.79 -10.09
N VAL B 33 2.94 -14.09 -11.09
CA VAL B 33 2.91 -12.63 -11.08
C VAL B 33 1.47 -12.12 -11.11
N SER B 34 0.54 -12.95 -11.56
CA SER B 34 -0.88 -12.61 -11.53
C SER B 34 -1.53 -12.90 -10.19
N ALA B 35 -0.76 -12.95 -9.11
CA ALA B 35 -1.33 -13.22 -7.78
C ALA B 35 -1.15 -12.07 -6.81
N ASN B 36 0.08 -11.63 -6.58
CA ASN B 36 0.39 -10.64 -5.55
C ASN B 36 0.73 -9.29 -6.18
N TYR B 37 0.81 -8.28 -5.31
CA TYR B 37 1.05 -6.91 -5.78
C TYR B 37 2.43 -6.81 -6.43
N MET B 38 2.54 -5.93 -7.41
CA MET B 38 3.82 -5.62 -8.03
C MET B 38 3.96 -4.12 -8.20
N SER B 39 5.20 -3.65 -8.24
CA SER B 39 5.47 -2.22 -8.33
C SER B 39 6.78 -2.03 -9.08
N TRP B 40 7.27 -0.78 -9.10
CA TRP B 40 8.51 -0.46 -9.80
C TRP B 40 9.15 0.73 -9.08
N VAL B 41 10.30 0.52 -8.47
CA VAL B 41 10.95 1.55 -7.67
C VAL B 41 12.14 2.10 -8.44
N ARG B 42 12.26 3.42 -8.47
CA ARG B 42 13.28 4.12 -9.23
C ARG B 42 14.23 4.83 -8.28
N GLN B 43 15.53 4.61 -8.46
CA GLN B 43 16.54 5.26 -7.64
C GLN B 43 17.47 6.07 -8.53
N ALA B 44 17.60 7.32 -8.22
CA ALA B 44 18.53 8.12 -9.01
C ALA B 44 19.82 8.33 -8.25
N PRO B 45 20.94 8.54 -8.94
CA PRO B 45 22.22 8.73 -8.25
C PRO B 45 22.18 9.97 -7.37
N GLY B 46 22.58 9.79 -6.11
CA GLY B 46 22.62 10.88 -5.15
C GLY B 46 21.29 11.23 -4.52
N LYS B 47 20.23 10.49 -4.80
CA LYS B 47 18.91 10.78 -4.28
C LYS B 47 18.27 9.49 -3.76
N GLY B 48 17.31 9.66 -2.87
CA GLY B 48 16.62 8.52 -2.30
C GLY B 48 15.68 7.87 -3.29
N LEU B 49 15.14 6.73 -2.86
CA LEU B 49 14.25 5.95 -3.71
C LEU B 49 12.95 6.70 -3.96
N GLU B 50 12.24 6.30 -5.01
CA GLU B 50 10.98 6.93 -5.38
C GLU B 50 10.07 5.88 -6.02
N TRP B 51 8.77 6.04 -5.82
CA TRP B 51 7.77 5.09 -6.29
C TRP B 51 7.26 5.50 -7.67
N VAL B 52 7.04 4.51 -8.55
CA VAL B 52 6.66 4.79 -9.92
C VAL B 52 5.34 4.15 -10.34
N SER B 53 4.99 3.02 -9.74
CA SER B 53 3.81 2.30 -10.21
C SER B 53 3.42 1.20 -9.23
N VAL B 54 2.14 0.83 -9.28
CA VAL B 54 1.63 -0.37 -8.60
C VAL B 54 0.62 -1.03 -9.52
N ILE B 55 0.68 -2.35 -9.61
CA ILE B 55 -0.34 -3.15 -10.26
C ILE B 55 -0.95 -4.10 -9.23
N TYR B 56 -2.24 -4.09 -9.13
CA TYR B 56 -2.98 -5.01 -8.28
C TYR B 56 -3.38 -6.23 -9.08
N PRO B 57 -3.53 -7.40 -8.45
CA PRO B 57 -4.24 -8.48 -9.12
C PRO B 57 -5.64 -8.02 -9.46
N GLY B 58 -6.08 -8.33 -10.68
CA GLY B 58 -7.31 -7.81 -11.21
C GLY B 58 -7.15 -6.70 -12.23
N GLY B 59 -5.96 -6.11 -12.33
CA GLY B 59 -5.64 -5.24 -13.43
C GLY B 59 -5.74 -3.75 -13.16
N SER B 60 -6.13 -3.34 -11.96
CA SER B 60 -6.17 -1.92 -11.66
C SER B 60 -4.75 -1.35 -11.65
N THR B 61 -4.57 -0.20 -12.29
CA THR B 61 -3.26 0.40 -12.47
C THR B 61 -3.20 1.75 -11.78
N PHE B 62 -2.08 2.02 -11.12
CA PHE B 62 -1.86 3.29 -10.45
C PHE B 62 -0.49 3.84 -10.83
N TYR B 63 -0.40 5.16 -10.97
CA TYR B 63 0.82 5.80 -11.41
C TYR B 63 1.16 6.99 -10.53
N ALA B 64 2.45 7.29 -10.44
CA ALA B 64 2.89 8.46 -9.68
C ALA B 64 2.47 9.74 -10.39
N ASP B 65 2.25 10.80 -9.62
CA ASP B 65 1.82 12.06 -10.19
C ASP B 65 2.87 12.62 -11.15
N SER B 66 4.16 12.55 -10.76
CA SER B 66 5.22 13.06 -11.62
C SER B 66 5.29 12.31 -12.94
N VAL B 67 4.83 11.06 -12.96
CA VAL B 67 4.86 10.24 -14.16
C VAL B 67 3.43 9.88 -14.51
N LYS B 68 2.49 10.78 -14.22
CA LYS B 68 1.09 10.52 -14.52
C LYS B 68 0.90 10.44 -16.03
N GLY B 69 0.51 9.27 -16.51
CA GLY B 69 0.54 9.00 -17.92
C GLY B 69 1.98 8.82 -18.38
N ARG B 70 2.15 8.68 -19.69
CA ARG B 70 3.44 8.64 -20.36
C ARG B 70 4.22 7.35 -20.07
N PHE B 71 3.76 6.53 -19.13
CA PHE B 71 4.28 5.18 -18.90
C PHE B 71 3.17 4.16 -19.08
N THR B 72 3.51 2.90 -18.84
CA THR B 72 2.55 1.80 -18.91
C THR B 72 3.12 0.56 -18.24
N ILE B 73 2.39 -0.01 -17.30
CA ILE B 73 2.80 -1.23 -16.62
C ILE B 73 1.85 -2.34 -17.02
N SER B 74 2.40 -3.40 -17.60
CA SER B 74 1.60 -4.52 -18.06
C SER B 74 2.25 -5.81 -17.60
N ARG B 75 1.44 -6.77 -17.20
CA ARG B 75 1.94 -8.07 -16.78
C ARG B 75 1.44 -9.12 -17.76
N ASP B 76 2.23 -10.17 -17.95
CA ASP B 76 1.91 -11.22 -18.89
C ASP B 76 1.70 -12.51 -18.11
N ASN B 77 0.45 -12.97 -18.06
CA ASN B 77 0.15 -14.21 -17.35
C ASN B 77 0.84 -15.40 -17.99
N SER B 78 0.86 -15.45 -19.32
CA SER B 78 1.37 -16.64 -20.02
C SER B 78 2.84 -16.86 -19.73
N LYS B 79 3.63 -15.79 -19.70
CA LYS B 79 5.07 -15.92 -19.53
C LYS B 79 5.53 -15.75 -18.08
N ASN B 80 4.63 -15.41 -17.15
CA ASN B 80 4.97 -15.22 -15.74
C ASN B 80 6.08 -14.19 -15.57
N THR B 81 5.93 -13.07 -16.26
CA THR B 81 6.88 -11.96 -16.16
C THR B 81 6.14 -10.67 -15.85
N LEU B 82 6.90 -9.61 -15.65
CA LEU B 82 6.38 -8.27 -15.43
C LEU B 82 7.02 -7.32 -16.43
N TYR B 83 6.19 -6.53 -17.11
CA TYR B 83 6.66 -5.65 -18.17
C TYR B 83 6.39 -4.20 -17.81
N LEU B 84 7.35 -3.33 -18.08
CA LEU B 84 7.13 -1.89 -18.01
C LEU B 84 7.65 -1.28 -19.29
N GLN B 85 6.82 -0.47 -19.94
CA GLN B 85 7.19 0.19 -21.18
C GLN B 85 7.20 1.69 -20.96
N MET B 86 8.32 2.33 -21.26
CA MET B 86 8.45 3.78 -21.12
C MET B 86 8.36 4.42 -22.50
N ASN B 87 7.46 5.38 -22.65
CA ASN B 87 7.27 6.07 -23.91
C ASN B 87 7.54 7.55 -23.71
N SER B 88 8.19 8.16 -24.70
CA SER B 88 8.54 9.59 -24.66
C SER B 88 9.36 9.90 -23.40
N LEU B 89 10.54 9.31 -23.33
CA LEU B 89 11.42 9.52 -22.18
C LEU B 89 12.02 10.92 -22.24
N ARG B 90 11.87 11.67 -21.16
CA ARG B 90 12.26 13.07 -21.16
C ARG B 90 13.75 13.18 -20.87
N VAL B 91 14.22 14.40 -20.70
CA VAL B 91 15.60 14.64 -20.29
C VAL B 91 15.69 14.56 -18.77
N GLU B 92 16.86 14.16 -18.27
CA GLU B 92 17.09 13.99 -16.84
C GLU B 92 16.13 12.97 -16.22
N ASP B 93 15.86 11.88 -16.94
CA ASP B 93 15.07 10.77 -16.44
C ASP B 93 15.91 9.53 -16.16
N THR B 94 17.24 9.65 -16.25
CA THR B 94 18.09 8.49 -16.02
C THR B 94 18.08 8.10 -14.55
N ALA B 95 17.96 6.80 -14.29
CA ALA B 95 17.98 6.25 -12.95
C ALA B 95 17.89 4.73 -13.05
N VAL B 96 18.33 4.06 -11.99
CA VAL B 96 18.24 2.61 -11.93
C VAL B 96 16.84 2.22 -11.49
N TYR B 97 16.22 1.31 -12.25
CA TYR B 97 14.84 0.89 -11.99
C TYR B 97 14.84 -0.49 -11.34
N TYR B 98 14.07 -0.64 -10.27
CA TYR B 98 14.03 -1.86 -9.49
C TYR B 98 12.68 -2.55 -9.65
N CYS B 99 12.71 -3.88 -9.72
CA CYS B 99 11.52 -4.71 -9.76
C CYS B 99 11.29 -5.28 -8.38
N ALA B 100 10.11 -5.05 -7.81
CA ALA B 100 9.88 -5.48 -6.44
C ALA B 100 8.42 -5.79 -6.23
N ARG B 101 8.15 -6.88 -5.51
CA ARG B 101 6.78 -7.22 -5.14
C ARG B 101 6.33 -6.32 -3.99
N ASP B 102 5.14 -6.61 -3.47
CA ASP B 102 4.59 -5.81 -2.39
C ASP B 102 3.62 -6.65 -1.58
N LEU B 103 3.70 -6.53 -0.27
CA LEU B 103 2.72 -7.08 0.65
C LEU B 103 1.92 -6.01 1.37
N SER B 104 2.59 -4.92 1.75
CA SER B 104 2.02 -3.67 2.23
C SER B 104 1.46 -3.75 3.65
N VAL B 105 1.29 -4.93 4.23
CA VAL B 105 1.01 -5.00 5.66
C VAL B 105 1.93 -6.02 6.29
N ALA B 106 1.91 -7.25 5.78
CA ALA B 106 2.81 -8.27 6.28
C ALA B 106 4.26 -7.98 5.89
N GLY B 107 4.46 -7.40 4.71
CA GLY B 107 5.80 -7.03 4.27
C GLY B 107 5.74 -5.80 3.40
N ALA B 108 6.89 -5.14 3.25
CA ALA B 108 7.02 -3.95 2.43
C ALA B 108 8.17 -4.18 1.46
N PHE B 109 7.84 -4.58 0.23
CA PHE B 109 8.82 -4.86 -0.82
C PHE B 109 9.78 -5.96 -0.36
N ASP B 110 9.22 -7.16 -0.22
CA ASP B 110 9.95 -8.27 0.39
C ASP B 110 11.17 -8.65 -0.43
N ILE B 111 11.01 -8.86 -1.74
CA ILE B 111 12.10 -9.35 -2.58
C ILE B 111 12.28 -8.41 -3.76
N TRP B 112 13.53 -8.10 -4.09
CA TRP B 112 13.86 -7.07 -5.06
C TRP B 112 14.66 -7.67 -6.20
N GLY B 113 14.55 -7.04 -7.37
CA GLY B 113 15.34 -7.44 -8.51
C GLY B 113 16.76 -6.90 -8.42
N GLN B 114 17.60 -7.38 -9.34
CA GLN B 114 19.01 -6.99 -9.32
C GLN B 114 19.20 -5.52 -9.70
N GLY B 115 18.22 -4.90 -10.34
CA GLY B 115 18.31 -3.50 -10.66
C GLY B 115 19.06 -3.20 -11.93
N THR B 116 18.41 -2.51 -12.85
CA THR B 116 18.98 -2.14 -14.14
C THR B 116 18.73 -0.67 -14.41
N LEU B 117 19.65 -0.03 -15.13
CA LEU B 117 19.60 1.42 -15.34
C LEU B 117 19.17 1.74 -16.76
N VAL B 118 18.48 2.85 -16.92
CA VAL B 118 18.11 3.41 -18.21
C VAL B 118 18.66 4.82 -18.29
N THR B 119 19.45 5.10 -19.32
CA THR B 119 20.12 6.38 -19.45
C THR B 119 19.59 7.13 -20.67
N VAL B 120 19.60 8.46 -20.58
CA VAL B 120 19.05 9.32 -21.61
C VAL B 120 20.11 10.35 -21.97
N SER B 121 20.00 10.88 -23.20
CA SER B 121 20.99 11.83 -23.72
C SER B 121 21.12 13.07 -22.84
N ILE B 139 3.28 13.14 2.59
CA ILE B 139 3.96 12.92 3.86
C ILE B 139 5.47 12.90 3.67
N VAL B 140 6.09 14.06 3.85
CA VAL B 140 7.54 14.21 3.66
C VAL B 140 8.24 13.78 4.94
N LEU B 141 9.22 12.90 4.80
CA LEU B 141 10.01 12.42 5.93
C LEU B 141 11.35 13.13 5.98
N THR B 142 11.96 13.14 7.16
CA THR B 142 13.28 13.72 7.36
C THR B 142 14.15 12.72 8.10
N GLN B 143 15.46 12.84 7.88
CA GLN B 143 16.45 11.95 8.49
C GLN B 143 17.30 12.76 9.46
N SER B 144 16.92 12.73 10.73
CA SER B 144 17.64 13.49 11.74
C SER B 144 19.10 13.08 11.95
N PRO B 145 19.47 11.78 12.01
CA PRO B 145 20.85 11.44 12.39
C PRO B 145 21.91 12.02 11.47
N GLY B 146 21.61 12.13 10.18
CA GLY B 146 22.59 12.61 9.24
C GLY B 146 23.69 11.58 9.04
N THR B 147 24.80 12.06 8.48
CA THR B 147 25.94 11.19 8.19
C THR B 147 26.66 10.85 9.51
N LEU B 148 26.01 9.98 10.28
CA LEU B 148 26.49 9.61 11.60
C LEU B 148 27.51 8.49 11.45
N SER B 149 28.73 8.74 11.89
CA SER B 149 29.81 7.75 11.85
C SER B 149 30.15 7.33 13.27
N LEU B 150 30.15 6.02 13.52
CA LEU B 150 30.46 5.46 14.83
C LEU B 150 31.49 4.36 14.68
N SER B 151 32.38 4.26 15.67
CA SER B 151 33.39 3.21 15.65
C SER B 151 32.75 1.85 15.86
N PRO B 152 33.32 0.80 15.28
CA PRO B 152 32.76 -0.55 15.47
C PRO B 152 32.78 -0.97 16.93
N GLY B 153 31.75 -1.72 17.32
CA GLY B 153 31.65 -2.22 18.67
C GLY B 153 30.73 -1.44 19.60
N GLU B 154 30.00 -0.46 19.10
CA GLU B 154 29.11 0.33 19.93
C GLU B 154 27.75 0.48 19.25
N ARG B 155 26.72 0.71 20.07
CA ARG B 155 25.36 0.85 19.57
C ARG B 155 25.17 2.19 18.88
N ALA B 156 24.29 2.21 17.89
CA ALA B 156 23.94 3.41 17.15
C ALA B 156 22.43 3.58 17.13
N THR B 157 21.98 4.82 17.29
CA THR B 157 20.57 5.16 17.28
C THR B 157 20.26 5.98 16.04
N LEU B 158 19.27 5.54 15.26
CA LEU B 158 18.85 6.21 14.05
C LEU B 158 17.40 6.64 14.21
N SER B 159 17.16 7.93 14.13
CA SER B 159 15.85 8.51 14.40
C SER B 159 15.23 9.00 13.10
N CYS B 160 13.96 8.66 12.88
CA CYS B 160 13.25 9.05 11.68
C CYS B 160 11.97 9.76 12.08
N ARG B 161 11.78 10.97 11.55
CA ARG B 161 10.65 11.81 11.93
C ARG B 161 9.75 12.03 10.73
N ALA B 162 8.46 11.78 10.90
CA ALA B 162 7.46 11.93 9.86
C ALA B 162 6.70 13.24 10.05
N SER B 163 5.64 13.43 9.28
CA SER B 163 4.84 14.64 9.33
C SER B 163 3.44 14.42 9.89
N GLN B 164 2.67 13.50 9.29
CA GLN B 164 1.29 13.31 9.67
C GLN B 164 1.12 12.43 10.90
N SER B 165 2.20 11.85 11.43
CA SER B 165 2.13 10.96 12.58
C SER B 165 1.19 9.79 12.31
N VAL B 166 1.60 8.94 11.38
CA VAL B 166 0.81 7.78 10.96
C VAL B 166 0.90 6.69 12.01
N SER B 167 0.05 5.66 11.87
CA SER B 167 -0.01 4.58 12.84
C SER B 167 1.32 3.85 12.95
N SER B 168 1.48 3.10 14.03
CA SER B 168 2.75 2.48 14.36
C SER B 168 3.06 1.26 13.50
N SER B 169 2.09 0.71 12.79
CA SER B 169 2.28 -0.53 12.04
C SER B 169 2.58 -0.30 10.57
N TYR B 170 3.21 0.82 10.22
CA TYR B 170 3.38 1.15 8.81
C TYR B 170 4.84 1.25 8.39
N LEU B 171 5.66 2.03 9.07
CA LEU B 171 7.00 2.27 8.56
C LEU B 171 7.86 1.02 8.62
N ALA B 172 8.74 0.89 7.63
CA ALA B 172 9.68 -0.21 7.51
C ALA B 172 11.05 0.35 7.21
N TRP B 173 12.09 -0.40 7.59
CA TRP B 173 13.46 0.06 7.48
C TRP B 173 14.24 -0.81 6.51
N TYR B 174 15.19 -0.20 5.82
CA TYR B 174 15.91 -0.85 4.74
C TYR B 174 17.41 -0.74 4.92
N GLN B 175 18.13 -1.69 4.34
CA GLN B 175 19.58 -1.67 4.26
C GLN B 175 19.98 -1.79 2.80
N GLN B 176 20.89 -0.93 2.35
CA GLN B 176 21.36 -0.95 0.97
C GLN B 176 22.88 -0.81 0.93
N LYS B 177 23.57 -1.91 0.68
CA LYS B 177 25.00 -1.86 0.46
C LYS B 177 25.28 -1.13 -0.86
N PRO B 178 26.48 -0.56 -1.03
CA PRO B 178 26.76 0.24 -2.23
C PRO B 178 26.56 -0.55 -3.52
N GLY B 179 25.61 -0.10 -4.32
CA GLY B 179 25.32 -0.73 -5.60
C GLY B 179 24.70 -2.12 -5.54
N GLN B 180 23.74 -2.33 -4.65
CA GLN B 180 23.03 -3.59 -4.57
C GLN B 180 21.55 -3.32 -4.34
N ALA B 181 20.75 -4.36 -4.45
CA ALA B 181 19.33 -4.25 -4.19
C ALA B 181 19.10 -4.07 -2.70
N PRO B 182 18.27 -3.11 -2.29
CA PRO B 182 18.01 -2.94 -0.86
C PRO B 182 17.27 -4.14 -0.28
N ARG B 183 17.41 -4.31 1.03
CA ARG B 183 16.69 -5.35 1.75
C ARG B 183 15.95 -4.73 2.93
N LEU B 184 14.90 -5.41 3.38
CA LEU B 184 14.11 -4.94 4.51
C LEU B 184 14.60 -5.57 5.79
N LEU B 185 14.57 -4.78 6.87
CA LEU B 185 14.90 -5.27 8.20
C LEU B 185 13.65 -5.52 9.03
N ILE B 186 12.81 -4.50 9.19
CA ILE B 186 11.58 -4.60 9.96
C ILE B 186 10.46 -3.98 9.13
N TYR B 187 9.33 -4.69 9.02
CA TYR B 187 8.21 -4.16 8.25
C TYR B 187 7.13 -3.53 9.11
N GLY B 188 6.92 -4.01 10.32
CA GLY B 188 5.86 -3.48 11.15
C GLY B 188 6.35 -2.53 12.22
N ALA B 189 7.57 -2.05 12.07
CA ALA B 189 8.30 -1.21 13.01
C ALA B 189 8.63 -1.94 14.29
N SER B 190 8.19 -3.19 14.45
CA SER B 190 8.55 -4.00 15.61
C SER B 190 8.89 -5.45 15.28
N SER B 191 8.58 -5.95 14.08
CA SER B 191 8.77 -7.35 13.72
C SER B 191 9.85 -7.47 12.66
N ARG B 192 10.98 -8.08 13.02
CA ARG B 192 12.06 -8.26 12.07
C ARG B 192 11.64 -9.21 10.95
N ALA B 193 12.29 -9.06 9.80
CA ALA B 193 12.00 -9.91 8.66
C ALA B 193 12.66 -11.28 8.82
N THR B 194 12.25 -12.21 7.96
CA THR B 194 12.82 -13.55 7.99
C THR B 194 14.26 -13.53 7.48
N GLY B 195 15.10 -14.37 8.08
CA GLY B 195 16.50 -14.39 7.72
C GLY B 195 17.24 -13.12 8.10
N ILE B 196 16.97 -12.58 9.28
CA ILE B 196 17.59 -11.35 9.76
C ILE B 196 18.24 -11.64 11.09
N PRO B 197 19.48 -11.20 11.31
CA PRO B 197 20.14 -11.44 12.61
C PRO B 197 19.43 -10.70 13.73
N ASP B 198 19.58 -11.24 14.94
CA ASP B 198 18.92 -10.69 16.13
C ASP B 198 19.46 -9.32 16.53
N ARG B 199 20.59 -8.89 16.00
CA ARG B 199 21.21 -7.65 16.43
C ARG B 199 20.43 -6.41 16.01
N PHE B 200 19.44 -6.55 15.14
CA PHE B 200 18.66 -5.42 14.65
C PHE B 200 17.36 -5.30 15.44
N SER B 201 17.04 -4.09 15.88
CA SER B 201 15.81 -3.81 16.60
C SER B 201 15.36 -2.40 16.27
N GLY B 202 14.04 -2.22 16.16
CA GLY B 202 13.47 -0.92 15.91
C GLY B 202 12.19 -0.74 16.68
N SER B 203 11.95 0.49 17.12
CA SER B 203 10.80 0.79 17.96
C SER B 203 10.35 2.22 17.69
N GLY B 204 9.44 2.70 18.51
CA GLY B 204 8.90 4.04 18.39
C GLY B 204 7.49 4.02 17.82
N SER B 205 6.62 4.87 18.36
CA SER B 205 5.25 4.95 17.87
C SER B 205 4.80 6.40 17.94
N GLY B 206 3.94 6.78 17.00
CA GLY B 206 3.45 8.14 16.93
C GLY B 206 4.09 8.96 15.83
N THR B 207 4.96 9.89 16.22
CA THR B 207 5.62 10.78 15.28
C THR B 207 7.09 10.45 15.05
N ASP B 208 7.68 9.58 15.86
CA ASP B 208 9.08 9.23 15.73
C ASP B 208 9.27 7.72 15.71
N PHE B 209 10.32 7.28 15.04
CA PHE B 209 10.65 5.86 14.95
C PHE B 209 12.15 5.68 15.05
N THR B 210 12.57 4.80 15.95
CA THR B 210 13.98 4.62 16.29
C THR B 210 14.38 3.17 16.05
N LEU B 211 15.46 2.98 15.29
CA LEU B 211 16.04 1.67 15.04
C LEU B 211 17.48 1.68 15.49
N THR B 212 17.94 0.55 16.03
CA THR B 212 19.30 0.47 16.52
C THR B 212 19.88 -0.90 16.20
N ILE B 213 21.20 -0.99 16.30
CA ILE B 213 21.95 -2.19 15.94
C ILE B 213 22.62 -2.73 17.18
N SER B 214 22.38 -4.00 17.49
CA SER B 214 22.94 -4.65 18.67
C SER B 214 22.59 -3.89 19.94
N ASP B 220 29.19 -3.69 8.74
CA ASP B 220 28.07 -3.55 7.81
C ASP B 220 27.70 -2.09 7.65
N PHE B 221 28.31 -1.44 6.67
CA PHE B 221 28.10 -0.03 6.38
C PHE B 221 27.20 0.09 5.16
N ALA B 222 26.22 0.99 5.22
CA ALA B 222 25.26 1.16 4.14
C ALA B 222 24.52 2.47 4.36
N VAL B 223 23.52 2.72 3.53
CA VAL B 223 22.62 3.85 3.67
C VAL B 223 21.25 3.32 4.04
N TYR B 224 20.71 3.78 5.17
CA TYR B 224 19.49 3.25 5.72
C TYR B 224 18.33 4.20 5.47
N TYR B 225 17.24 3.66 4.93
CA TYR B 225 16.11 4.45 4.47
C TYR B 225 14.89 4.18 5.33
N CYS B 226 13.99 5.16 5.35
CA CYS B 226 12.69 5.03 5.98
C CYS B 226 11.64 4.85 4.90
N GLN B 227 10.81 3.83 5.06
CA GLN B 227 9.72 3.62 4.12
C GLN B 227 8.41 3.84 4.85
N GLN B 228 7.41 4.30 4.12
CA GLN B 228 6.07 4.38 4.68
C GLN B 228 5.07 4.16 3.57
N TYR B 229 4.14 3.25 3.80
CA TYR B 229 2.94 3.10 3.02
C TYR B 229 1.76 3.74 3.76
N GLY B 230 0.56 3.57 3.22
CA GLY B 230 -0.63 4.17 3.79
C GLY B 230 -1.13 5.41 3.08
N SER B 231 -0.38 5.93 2.12
CA SER B 231 -0.82 7.03 1.29
C SER B 231 -0.65 6.64 -0.16
N SER B 232 -1.39 7.31 -1.04
CA SER B 232 -1.30 6.99 -2.46
C SER B 232 0.12 7.13 -3.02
N PRO B 233 0.90 8.18 -2.71
CA PRO B 233 2.20 8.31 -3.38
C PRO B 233 3.34 7.55 -2.74
N TYR B 234 3.22 7.13 -1.48
CA TYR B 234 4.32 6.54 -0.72
C TYR B 234 5.44 7.56 -0.56
N THR B 235 6.44 7.27 0.28
CA THR B 235 7.57 8.18 0.42
C THR B 235 8.74 7.43 1.04
N PHE B 236 9.95 7.82 0.65
CA PHE B 236 11.17 7.28 1.21
C PHE B 236 11.97 8.40 1.86
N GLY B 237 12.68 8.08 2.94
CA GLY B 237 13.55 9.05 3.55
C GLY B 237 14.82 9.27 2.74
N GLN B 238 15.46 10.41 3.00
CA GLN B 238 16.69 10.72 2.27
C GLN B 238 17.81 9.77 2.64
N GLY B 239 17.83 9.26 3.86
CA GLY B 239 18.80 8.27 4.27
C GLY B 239 20.01 8.87 4.96
N THR B 240 20.77 8.00 5.61
CA THR B 240 21.93 8.36 6.39
C THR B 240 23.10 7.48 6.00
N LYS B 241 24.31 8.02 6.18
CA LYS B 241 25.54 7.29 5.89
C LYS B 241 26.13 6.82 7.21
N LEU B 242 26.32 5.52 7.35
CA LEU B 242 26.81 4.96 8.59
C LEU B 242 28.33 5.10 8.65
C1 NAG C . -30.18 9.02 15.39
C2 NAG C . -29.73 10.08 16.40
C3 NAG C . -30.85 11.08 16.64
C4 NAG C . -31.04 11.91 15.38
C5 NAG C . -31.14 11.02 14.14
C6 NAG C . -30.03 11.26 13.14
C7 NAG C . -30.05 8.72 18.44
C8 NAG C . -29.39 8.21 19.68
N2 NAG C . -29.29 9.49 17.65
O3 NAG C . -30.53 11.91 17.73
O4 NAG C . -32.22 12.70 15.49
O5 NAG C . -31.16 9.62 14.45
O6 NAG C . -30.32 10.62 11.91
O7 NAG C . -31.22 8.45 18.17
#